data_6TO3
#
_entry.id   6TO3
#
_cell.length_a   104.760
_cell.length_b   104.760
_cell.length_c   79.370
_cell.angle_alpha   90.000
_cell.angle_beta   90.000
_cell.angle_gamma   120.000
#
_symmetry.space_group_name_H-M   'P 63 2 2'
#
loop_
_entity.id
_entity.type
_entity.pdbx_description
1 polymer 'Glutathione transferase'
2 non-polymer 4-chloro-7-nitrobenzofurazan
3 water water
#
_entity_poly.entity_id   1
_entity_poly.type   'polypeptide(L)'
_entity_poly.pdbx_seq_one_letter_code
;MAPVKVFGPAMSTNVARVTLCLEEVGAEYEVVNIDFNTMEHKSPEHLARNPFGQIPAFQDGDLLLWESRAISKYVLRKYK
TDEVDLLRESNLEEAAMVDVWTEVDAHTYNPALSPIVYQCLFNPMMRGLPTDEKVVAESLEKLKKVLEVYEARLSKHSYL
AGDFVSFADLNHFPYTFYFMATPHAALFDSYPHVKAWWDRLMARPAVKKIAATMVPPKACLFAESLEKLKKVLEVYEARL
SKHSYLAGDFVSFADLNHFPYTFYFMATPHAALFDSYPHVKAWWDRLMARPAVKKIAATMVPPKA
;
_entity_poly.pdbx_strand_id   AAA
#
loop_
_chem_comp.id
_chem_comp.type
_chem_comp.name
_chem_comp.formula
5Z8 non-polymer 4-chloro-7-nitrobenzofurazan 'C6 H2 Cl N3 O3'
#
# COMPACT_ATOMS: atom_id res chain seq x y z
N ALA A 2 -14.09 -1.45 -20.76
CA ALA A 2 -15.17 -0.89 -19.93
C ALA A 2 -14.56 -0.57 -18.55
N PRO A 3 -14.68 0.67 -18.01
CA PRO A 3 -13.94 1.04 -16.80
C PRO A 3 -14.45 0.29 -15.56
N VAL A 4 -13.54 -0.10 -14.67
CA VAL A 4 -13.92 -0.66 -13.34
C VAL A 4 -14.15 0.55 -12.42
N LYS A 5 -14.94 0.40 -11.36
CA LYS A 5 -15.38 1.53 -10.49
C LYS A 5 -14.98 1.26 -9.03
N VAL A 6 -14.39 2.26 -8.38
CA VAL A 6 -14.02 2.19 -6.93
C VAL A 6 -14.90 3.18 -6.18
N PHE A 7 -15.54 2.74 -5.10
CA PHE A 7 -16.33 3.66 -4.25
C PHE A 7 -15.62 3.83 -2.91
N GLY A 8 -15.44 5.08 -2.51
CA GLY A 8 -14.89 5.43 -1.19
C GLY A 8 -14.12 6.74 -1.27
N PRO A 9 -13.67 7.27 -0.13
CA PRO A 9 -12.90 8.52 -0.09
C PRO A 9 -11.51 8.25 -0.66
N ALA A 10 -10.97 9.13 -1.52
CA ALA A 10 -9.68 8.96 -2.23
C ALA A 10 -8.55 8.84 -1.21
N MET A 11 -8.55 9.73 -0.24
CA MET A 11 -7.46 9.86 0.76
C MET A 11 -7.50 8.69 1.75
N SER A 12 -8.54 7.87 1.72
CA SER A 12 -8.66 6.69 2.61
C SER A 12 -7.53 5.70 2.31
N THR A 13 -6.83 5.23 3.34
CA THR A 13 -5.75 4.20 3.22
C THR A 13 -6.24 2.99 2.43
N ASN A 14 -7.45 2.51 2.69
CA ASN A 14 -7.98 1.28 2.06
C ASN A 14 -8.29 1.55 0.57
N VAL A 15 -8.75 2.74 0.22
CA VAL A 15 -9.04 3.11 -1.18
C VAL A 15 -7.73 3.24 -1.98
N ALA A 16 -6.75 3.95 -1.44
CA ALA A 16 -5.45 4.27 -2.08
C ALA A 16 -4.65 3.00 -2.41
N ARG A 17 -4.66 1.99 -1.52
CA ARG A 17 -4.18 0.59 -1.71
C ARG A 17 -4.67 0.15 -3.09
N VAL A 18 -5.98 0.30 -3.32
CA VAL A 18 -6.67 -0.16 -4.55
C VAL A 18 -6.38 0.77 -5.75
N THR A 19 -6.54 2.11 -5.63
CA THR A 19 -6.20 3.04 -6.74
C THR A 19 -4.73 2.80 -7.12
N LEU A 20 -3.87 2.54 -6.14
CA LEU A 20 -2.44 2.30 -6.47
C LEU A 20 -2.29 1.08 -7.37
N CYS A 21 -2.73 -0.11 -6.94
CA CYS A 21 -2.78 -1.36 -7.74
C CYS A 21 -3.37 -1.12 -9.14
N LEU A 22 -4.46 -0.38 -9.23
CA LEU A 22 -5.08 -0.04 -10.53
C LEU A 22 -4.08 0.75 -11.36
N GLU A 23 -3.44 1.79 -10.80
CA GLU A 23 -2.49 2.63 -11.56
C GLU A 23 -1.31 1.75 -12.00
N GLU A 24 -0.74 0.99 -11.08
CA GLU A 24 0.41 0.09 -11.36
C GLU A 24 0.19 -0.82 -12.58
N VAL A 25 -1.02 -1.30 -12.81
CA VAL A 25 -1.33 -2.28 -13.90
C VAL A 25 -1.92 -1.53 -15.11
N GLY A 26 -2.09 -0.21 -15.06
CA GLY A 26 -2.59 0.59 -16.20
C GLY A 26 -4.07 0.38 -16.48
N ALA A 27 -4.85 -0.10 -15.52
CA ALA A 27 -6.31 -0.32 -15.68
C ALA A 27 -7.00 1.02 -15.89
N GLU A 28 -8.18 0.99 -16.50
CA GLU A 28 -9.11 2.14 -16.62
C GLU A 28 -10.13 2.07 -15.47
N TYR A 29 -10.34 3.17 -14.75
CA TYR A 29 -11.14 3.17 -13.49
C TYR A 29 -11.63 4.58 -13.16
N GLU A 30 -12.84 4.69 -12.62
CA GLU A 30 -13.41 5.90 -11.97
C GLU A 30 -13.46 5.64 -10.46
N VAL A 31 -13.34 6.70 -9.64
CA VAL A 31 -13.51 6.68 -8.17
C VAL A 31 -14.74 7.52 -7.81
N VAL A 32 -15.75 6.89 -7.26
CA VAL A 32 -17.01 7.57 -6.82
C VAL A 32 -16.92 7.69 -5.31
N ASN A 33 -17.19 8.86 -4.74
CA ASN A 33 -17.25 9.03 -3.26
C ASN A 33 -18.74 8.87 -2.90
N ILE A 34 -19.07 7.92 -2.04
CA ILE A 34 -20.47 7.59 -1.65
C ILE A 34 -20.77 8.14 -0.25
N ASP A 35 -22.05 8.16 0.15
CA ASP A 35 -22.54 8.67 1.47
C ASP A 35 -23.42 7.64 2.18
N PHE A 36 -24.24 8.09 3.14
CA PHE A 36 -25.06 7.21 4.01
C PHE A 36 -26.20 8.06 4.62
N ASN A 50 -22.72 -6.43 -1.33
CA ASN A 50 -22.00 -5.66 -0.27
C ASN A 50 -22.82 -5.71 1.02
N PRO A 51 -22.92 -6.88 1.69
CA PRO A 51 -23.85 -7.09 2.80
C PRO A 51 -23.42 -6.65 4.21
N PHE A 52 -22.15 -6.29 4.43
CA PHE A 52 -21.73 -5.55 5.65
C PHE A 52 -21.77 -4.04 5.41
N GLY A 53 -22.15 -3.60 4.20
CA GLY A 53 -22.23 -2.17 3.79
C GLY A 53 -20.88 -1.48 3.76
N GLN A 54 -19.83 -2.22 3.36
CA GLN A 54 -18.39 -1.85 3.50
C GLN A 54 -17.90 -0.92 2.39
N ILE A 55 -16.94 -0.07 2.77
CA ILE A 55 -16.19 0.91 1.93
C ILE A 55 -14.72 0.65 2.18
N PRO A 56 -13.84 0.51 1.15
CA PRO A 56 -14.24 0.58 -0.25
C PRO A 56 -15.00 -0.64 -0.80
N ALA A 57 -15.77 -0.38 -1.85
CA ALA A 57 -16.43 -1.36 -2.74
C ALA A 57 -15.82 -1.18 -4.13
N PHE A 58 -16.05 -2.14 -4.99
CA PHE A 58 -15.43 -2.15 -6.34
C PHE A 58 -16.33 -2.95 -7.28
N GLN A 59 -16.77 -2.33 -8.36
CA GLN A 59 -17.63 -2.95 -9.40
C GLN A 59 -16.74 -3.25 -10.60
N ASP A 60 -16.70 -4.51 -11.05
CA ASP A 60 -16.20 -4.89 -12.39
C ASP A 60 -17.38 -5.44 -13.20
N GLY A 61 -18.09 -4.57 -13.93
CA GLY A 61 -19.38 -4.90 -14.55
C GLY A 61 -20.34 -5.49 -13.54
N ASP A 62 -20.52 -6.81 -13.56
CA ASP A 62 -21.54 -7.54 -12.76
C ASP A 62 -20.97 -7.89 -11.38
N LEU A 63 -19.65 -8.09 -11.28
CA LEU A 63 -18.92 -8.45 -10.03
C LEU A 63 -18.90 -7.25 -9.07
N LEU A 64 -19.27 -7.45 -7.80
CA LEU A 64 -19.11 -6.45 -6.71
C LEU A 64 -18.15 -7.03 -5.67
N LEU A 65 -17.10 -6.31 -5.32
CA LEU A 65 -16.16 -6.75 -4.26
C LEU A 65 -16.07 -5.66 -3.18
N TRP A 66 -15.82 -6.11 -1.95
CA TRP A 66 -15.48 -5.29 -0.77
C TRP A 66 -14.26 -6.01 -0.14
N GLU A 67 -13.58 -5.42 0.85
CA GLU A 67 -12.29 -5.91 1.40
C GLU A 67 -11.16 -5.52 0.44
N SER A 68 -10.36 -4.54 0.83
CA SER A 68 -9.41 -3.89 -0.09
C SER A 68 -8.27 -4.87 -0.39
N ARG A 69 -7.98 -5.86 0.46
CA ARG A 69 -6.91 -6.83 0.10
C ARG A 69 -7.43 -7.65 -1.10
N ALA A 70 -8.65 -8.17 -1.02
CA ALA A 70 -9.24 -9.04 -2.07
C ALA A 70 -9.44 -8.25 -3.39
N ILE A 71 -9.86 -6.98 -3.26
CA ILE A 71 -10.04 -6.06 -4.43
C ILE A 71 -8.70 -5.90 -5.15
N SER A 72 -7.64 -5.60 -4.40
CA SER A 72 -6.26 -5.36 -4.90
C SER A 72 -5.74 -6.64 -5.55
N LYS A 73 -5.69 -7.74 -4.81
CA LYS A 73 -5.21 -9.04 -5.34
C LYS A 73 -6.04 -9.37 -6.60
N TYR A 74 -7.28 -8.89 -6.70
CA TYR A 74 -8.09 -9.15 -7.90
C TYR A 74 -7.54 -8.30 -9.04
N VAL A 75 -7.47 -7.00 -8.80
CA VAL A 75 -6.89 -6.02 -9.77
C VAL A 75 -5.54 -6.54 -10.29
N LEU A 76 -4.68 -7.04 -9.41
CA LEU A 76 -3.30 -7.45 -9.76
C LEU A 76 -3.37 -8.75 -10.57
N ARG A 77 -4.41 -9.55 -10.37
CA ARG A 77 -4.54 -10.81 -11.13
C ARG A 77 -5.19 -10.46 -12.49
N LYS A 78 -6.34 -9.80 -12.51
CA LYS A 78 -7.02 -9.50 -13.79
C LYS A 78 -5.97 -8.96 -14.78
N TYR A 79 -5.24 -7.91 -14.41
CA TYR A 79 -4.36 -7.14 -15.32
C TYR A 79 -2.88 -7.52 -15.17
N LYS A 80 -2.55 -8.74 -14.74
CA LYS A 80 -1.15 -9.24 -14.70
C LYS A 80 -0.60 -9.26 -16.11
N THR A 81 0.61 -8.73 -16.33
CA THR A 81 1.39 -9.01 -17.58
C THR A 81 2.71 -9.69 -17.18
N ASP A 82 3.49 -10.14 -18.16
CA ASP A 82 4.88 -10.59 -17.91
C ASP A 82 5.64 -9.38 -17.37
N GLU A 83 5.34 -8.19 -17.90
CA GLU A 83 5.95 -6.88 -17.57
C GLU A 83 5.60 -6.47 -16.13
N VAL A 84 4.31 -6.53 -15.76
CA VAL A 84 3.76 -6.11 -14.43
C VAL A 84 3.21 -7.33 -13.69
N ASP A 85 4.04 -8.09 -12.96
CA ASP A 85 3.59 -9.27 -12.18
C ASP A 85 3.97 -9.10 -10.71
N LEU A 86 3.08 -8.47 -9.94
CA LEU A 86 3.33 -7.98 -8.57
C LEU A 86 2.86 -8.98 -7.51
N LEU A 87 2.20 -10.08 -7.90
CA LEU A 87 1.80 -11.15 -6.96
C LEU A 87 2.76 -12.36 -7.07
N ARG A 88 3.12 -12.76 -8.29
CA ARG A 88 4.18 -13.77 -8.58
C ARG A 88 3.71 -15.18 -8.23
N GLU A 89 2.44 -15.50 -8.48
CA GLU A 89 1.82 -16.77 -8.05
C GLU A 89 2.49 -17.92 -8.81
N SER A 90 2.90 -17.69 -10.06
CA SER A 90 3.69 -18.63 -10.89
C SER A 90 4.95 -19.11 -10.16
N ASN A 91 5.50 -18.33 -9.22
CA ASN A 91 6.77 -18.68 -8.54
C ASN A 91 6.50 -18.88 -7.04
N LEU A 92 6.52 -20.13 -6.60
CA LEU A 92 6.26 -20.61 -5.22
C LEU A 92 6.95 -19.72 -4.15
N GLU A 93 8.29 -19.79 -4.00
CA GLU A 93 9.05 -19.07 -2.95
C GLU A 93 8.80 -17.55 -3.08
N GLU A 94 8.65 -17.03 -4.30
CA GLU A 94 8.52 -15.57 -4.56
C GLU A 94 7.21 -15.11 -3.90
N ALA A 95 6.11 -15.79 -4.23
CA ALA A 95 4.73 -15.49 -3.75
C ALA A 95 4.66 -15.63 -2.22
N ALA A 96 5.32 -16.64 -1.67
CA ALA A 96 5.41 -16.84 -0.21
C ALA A 96 5.96 -15.54 0.43
N MET A 97 7.10 -15.04 -0.06
CA MET A 97 7.75 -13.82 0.48
C MET A 97 6.82 -12.63 0.24
N VAL A 98 6.10 -12.59 -0.88
CA VAL A 98 5.16 -11.45 -1.10
C VAL A 98 4.12 -11.47 0.02
N ASP A 99 3.60 -12.65 0.32
CA ASP A 99 2.53 -12.86 1.33
C ASP A 99 3.08 -12.53 2.73
N VAL A 100 4.24 -13.10 3.09
CA VAL A 100 4.92 -12.90 4.40
C VAL A 100 5.00 -11.39 4.68
N TRP A 101 5.47 -10.60 3.73
CA TRP A 101 5.72 -9.15 3.99
C TRP A 101 4.42 -8.34 3.89
N THR A 102 3.47 -8.78 3.06
CA THR A 102 2.07 -8.27 3.08
C THR A 102 1.52 -8.40 4.49
N GLU A 103 1.66 -9.60 5.08
CA GLU A 103 1.14 -9.92 6.43
C GLU A 103 1.95 -9.16 7.50
N VAL A 104 3.23 -8.88 7.28
CA VAL A 104 4.05 -8.07 8.23
C VAL A 104 3.58 -6.63 8.20
N ASP A 105 3.27 -6.08 7.01
CA ASP A 105 2.71 -4.71 6.85
C ASP A 105 1.40 -4.58 7.65
N ALA A 106 0.56 -5.59 7.56
CA ALA A 106 -0.81 -5.62 8.12
C ALA A 106 -0.75 -5.81 9.65
N HIS A 107 0.10 -6.71 10.16
CA HIS A 107 0.08 -7.17 11.58
C HIS A 107 1.09 -6.44 12.45
N THR A 108 2.03 -5.71 11.86
CA THR A 108 3.14 -5.13 12.65
C THR A 108 3.41 -3.70 12.23
N TYR A 109 3.68 -3.47 10.95
CA TYR A 109 4.12 -2.16 10.42
C TYR A 109 2.97 -1.16 10.54
N ASN A 110 1.92 -1.30 9.75
CA ASN A 110 0.74 -0.42 9.79
C ASN A 110 0.35 -0.10 11.26
N PRO A 111 0.17 -1.10 12.15
CA PRO A 111 -0.16 -0.84 13.56
C PRO A 111 0.76 0.10 14.37
N ALA A 112 2.05 0.15 14.03
CA ALA A 112 3.04 1.05 14.67
C ALA A 112 2.82 2.51 14.23
N LEU A 113 2.36 2.72 13.00
CA LEU A 113 2.20 4.06 12.37
C LEU A 113 0.89 4.74 12.83
N SER A 114 -0.20 3.99 12.95
CA SER A 114 -1.56 4.55 13.13
C SER A 114 -1.62 5.46 14.37
N PRO A 115 -1.15 5.03 15.55
CA PRO A 115 -1.20 5.88 16.73
C PRO A 115 -0.56 7.24 16.42
N ILE A 116 0.59 7.20 15.75
CA ILE A 116 1.43 8.40 15.48
C ILE A 116 0.74 9.26 14.42
N VAL A 117 0.12 8.67 13.41
CA VAL A 117 -0.72 9.44 12.45
C VAL A 117 -1.93 10.05 13.18
N TYR A 118 -2.70 9.28 13.96
CA TYR A 118 -3.86 9.79 14.73
C TYR A 118 -3.38 10.90 15.68
N GLN A 119 -2.34 10.67 16.50
CA GLN A 119 -1.83 11.65 17.49
C GLN A 119 -1.37 12.93 16.78
N CYS A 120 -0.83 12.66 15.67
CA CYS A 120 0.19 13.70 15.46
C CYS A 120 -0.13 14.43 14.11
N LEU A 121 -1.41 14.71 13.99
CA LEU A 121 -2.34 15.19 12.89
C LEU A 121 -3.79 15.40 13.37
N PHE A 122 -4.27 14.78 14.46
CA PHE A 122 -5.63 15.04 15.04
C PHE A 122 -5.61 15.12 16.58
N ASN A 123 -4.61 15.77 17.19
CA ASN A 123 -4.33 15.73 18.65
C ASN A 123 -3.07 16.54 18.97
N GLU A 138 5.52 6.31 22.68
CA GLU A 138 4.86 5.07 23.14
C GLU A 138 5.01 4.00 22.05
N SER A 139 4.34 4.20 20.91
CA SER A 139 4.39 3.31 19.72
C SER A 139 5.69 3.55 18.92
N LEU A 140 6.44 4.61 19.24
CA LEU A 140 7.69 5.00 18.53
C LEU A 140 8.83 4.02 18.84
N GLU A 141 8.77 3.28 19.94
CA GLU A 141 9.83 2.30 20.26
C GLU A 141 9.55 1.03 19.46
N LYS A 142 8.29 0.63 19.30
CA LYS A 142 7.90 -0.57 18.54
C LYS A 142 8.43 -0.42 17.10
N LEU A 143 8.23 0.77 16.54
CA LEU A 143 8.53 1.07 15.11
C LEU A 143 10.05 1.10 14.92
N LYS A 144 10.77 1.71 15.85
CA LYS A 144 12.24 1.66 15.84
C LYS A 144 12.63 0.19 15.74
N LYS A 145 11.99 -0.68 16.52
CA LYS A 145 12.33 -2.11 16.63
C LYS A 145 11.92 -2.80 15.32
N VAL A 146 10.81 -2.38 14.72
CA VAL A 146 10.32 -2.89 13.41
C VAL A 146 11.27 -2.42 12.30
N LEU A 147 11.76 -1.20 12.44
CA LEU A 147 12.61 -0.57 11.40
C LEU A 147 13.99 -1.23 11.36
N GLU A 148 14.53 -1.60 12.53
CA GLU A 148 15.77 -2.42 12.62
C GLU A 148 15.63 -3.61 11.68
N VAL A 149 14.48 -4.26 11.68
CA VAL A 149 14.25 -5.53 10.94
C VAL A 149 14.10 -5.22 9.45
N TYR A 150 13.28 -4.23 9.10
CA TYR A 150 13.07 -3.82 7.70
C TYR A 150 14.43 -3.40 7.12
N GLU A 151 15.20 -2.63 7.89
CA GLU A 151 16.58 -2.20 7.51
C GLU A 151 17.44 -3.43 7.18
N ALA A 152 17.45 -4.45 8.02
CA ALA A 152 18.19 -5.72 7.77
C ALA A 152 17.66 -6.34 6.47
N ARG A 153 16.34 -6.52 6.41
CA ARG A 153 15.74 -7.19 5.24
C ARG A 153 16.24 -6.42 4.02
N LEU A 154 16.07 -5.10 4.01
CA LEU A 154 16.27 -4.26 2.80
C LEU A 154 17.75 -4.05 2.48
N SER A 155 18.66 -4.39 3.38
CA SER A 155 20.12 -4.38 3.15
CA SER A 155 20.11 -4.37 3.12
C SER A 155 20.54 -5.60 2.32
N LYS A 156 19.72 -6.66 2.29
CA LYS A 156 20.03 -7.98 1.64
C LYS A 156 19.18 -8.13 0.36
N HIS A 157 18.17 -7.28 0.13
CA HIS A 157 17.28 -7.35 -1.06
C HIS A 157 16.83 -5.94 -1.49
N SER A 158 16.69 -5.70 -2.80
CA SER A 158 16.24 -4.38 -3.35
C SER A 158 14.95 -3.96 -2.67
N TYR A 159 14.03 -4.93 -2.55
CA TYR A 159 12.61 -4.84 -2.13
C TYR A 159 12.32 -5.91 -1.09
N LEU A 160 11.12 -5.86 -0.53
CA LEU A 160 10.77 -6.65 0.66
C LEU A 160 10.71 -8.13 0.28
N ALA A 161 10.16 -8.44 -0.89
CA ALA A 161 9.80 -9.84 -1.23
C ALA A 161 10.99 -10.51 -1.91
N GLY A 162 12.14 -9.83 -1.96
CA GLY A 162 13.31 -10.20 -2.78
C GLY A 162 13.62 -9.11 -3.81
N ASP A 163 14.51 -9.38 -4.75
CA ASP A 163 15.05 -8.34 -5.67
C ASP A 163 14.05 -8.12 -6.82
N PHE A 164 12.85 -7.61 -6.50
CA PHE A 164 11.76 -7.24 -7.43
C PHE A 164 10.64 -6.55 -6.65
N VAL A 165 10.03 -5.49 -7.19
CA VAL A 165 8.89 -4.82 -6.51
C VAL A 165 7.71 -5.80 -6.56
N SER A 166 6.81 -5.73 -5.56
CA SER A 166 5.57 -6.54 -5.44
C SER A 166 4.55 -5.82 -4.56
N PHE A 167 3.33 -6.36 -4.57
CA PHE A 167 2.20 -5.96 -3.70
C PHE A 167 2.68 -5.67 -2.27
N ALA A 168 3.59 -6.49 -1.76
CA ALA A 168 4.17 -6.33 -0.41
C ALA A 168 4.65 -4.88 -0.27
N ASP A 169 5.50 -4.45 -1.20
CA ASP A 169 6.10 -3.08 -1.20
C ASP A 169 4.96 -2.05 -1.29
N LEU A 170 4.08 -2.22 -2.26
CA LEU A 170 2.93 -1.30 -2.52
C LEU A 170 2.02 -1.21 -1.28
N ASN A 171 1.85 -2.30 -0.52
CA ASN A 171 0.95 -2.33 0.66
C ASN A 171 1.35 -1.26 1.69
N HIS A 172 2.64 -1.00 1.83
CA HIS A 172 3.25 -0.07 2.81
C HIS A 172 2.92 1.38 2.50
N PHE A 173 2.41 1.71 1.31
CA PHE A 173 2.43 3.12 0.81
C PHE A 173 1.47 4.01 1.60
N PRO A 174 0.19 3.62 1.75
CA PRO A 174 -0.79 4.53 2.33
C PRO A 174 -0.41 5.04 3.73
N TYR A 175 -0.17 4.11 4.66
CA TYR A 175 0.07 4.43 6.09
C TYR A 175 1.39 5.19 6.21
N THR A 176 2.41 4.77 5.47
CA THR A 176 3.73 5.43 5.46
C THR A 176 3.62 6.81 4.82
N PHE A 177 2.76 7.00 3.83
CA PHE A 177 2.56 8.32 3.19
C PHE A 177 2.26 9.34 4.29
N TYR A 178 1.20 9.09 5.05
CA TYR A 178 0.73 9.92 6.19
C TYR A 178 1.76 10.04 7.30
N PHE A 179 2.54 9.00 7.58
CA PHE A 179 3.62 9.03 8.61
C PHE A 179 4.61 10.15 8.31
N MET A 180 4.89 10.36 7.01
CA MET A 180 5.88 11.36 6.51
C MET A 180 5.26 12.77 6.44
N ALA A 181 3.97 12.93 6.69
CA ALA A 181 3.34 14.26 6.90
C ALA A 181 3.63 14.71 8.33
N THR A 182 3.88 13.75 9.25
CA THR A 182 4.08 14.05 10.69
C THR A 182 5.49 14.59 10.92
N PRO A 183 5.75 15.24 12.08
CA PRO A 183 7.10 15.65 12.47
C PRO A 183 8.04 14.52 12.92
N HIS A 184 7.66 13.24 12.77
CA HIS A 184 8.52 12.06 13.03
C HIS A 184 9.02 11.44 11.71
N ALA A 185 8.73 12.07 10.56
CA ALA A 185 9.22 11.62 9.24
C ALA A 185 10.72 11.31 9.30
N ALA A 186 11.50 12.15 9.98
CA ALA A 186 12.99 12.17 9.93
C ALA A 186 13.57 10.86 10.45
N LEU A 187 12.78 10.05 11.14
CA LEU A 187 13.19 8.78 11.81
C LEU A 187 13.69 7.75 10.79
N PHE A 188 13.22 7.82 9.54
CA PHE A 188 13.62 6.91 8.45
C PHE A 188 15.10 7.15 8.12
N ASP A 189 15.61 8.30 8.54
CA ASP A 189 17.00 8.74 8.26
C ASP A 189 17.96 7.91 9.12
N SER A 190 17.53 7.27 10.23
CA SER A 190 18.36 6.31 11.02
C SER A 190 18.32 4.91 10.40
N TYR A 191 17.57 4.72 9.31
CA TYR A 191 17.39 3.41 8.64
C TYR A 191 17.55 3.63 7.14
N PRO A 192 18.80 3.80 6.66
CA PRO A 192 19.10 4.23 5.29
C PRO A 192 18.48 3.37 4.20
N HIS A 193 18.61 2.04 4.28
CA HIS A 193 18.00 1.10 3.29
C HIS A 193 16.49 1.28 3.27
N VAL A 194 15.90 1.60 4.41
CA VAL A 194 14.44 1.86 4.46
C VAL A 194 14.17 3.23 3.83
N LYS A 195 15.01 4.26 4.07
CA LYS A 195 14.86 5.60 3.43
C LYS A 195 14.93 5.37 1.92
N ALA A 196 15.94 4.67 1.43
CA ALA A 196 16.20 4.55 -0.03
C ALA A 196 15.04 3.76 -0.65
N TRP A 197 14.57 2.74 0.07
CA TRP A 197 13.48 1.84 -0.40
C TRP A 197 12.22 2.70 -0.57
N TRP A 198 11.86 3.47 0.46
CA TRP A 198 10.75 4.43 0.44
C TRP A 198 10.93 5.45 -0.68
N ASP A 199 12.12 6.00 -0.84
CA ASP A 199 12.29 7.10 -1.83
C ASP A 199 11.96 6.52 -3.19
N ARG A 200 12.50 5.32 -3.43
CA ARG A 200 12.34 4.53 -4.68
C ARG A 200 10.85 4.36 -4.96
N LEU A 201 10.10 3.92 -3.94
CA LEU A 201 8.62 3.79 -3.99
C LEU A 201 7.97 5.14 -4.35
N MET A 202 8.33 6.24 -3.66
CA MET A 202 7.79 7.60 -3.96
C MET A 202 8.09 7.96 -5.43
N ALA A 203 9.16 7.42 -6.00
CA ALA A 203 9.63 7.82 -7.35
C ALA A 203 8.69 7.25 -8.43
N ARG A 204 7.88 6.23 -8.13
CA ARG A 204 7.15 5.48 -9.20
C ARG A 204 6.01 6.33 -9.76
N PRO A 205 5.86 6.36 -11.09
CA PRO A 205 4.77 7.14 -11.69
C PRO A 205 3.43 6.87 -10.98
N ALA A 206 3.02 5.60 -10.87
CA ALA A 206 1.74 5.20 -10.21
C ALA A 206 1.66 5.86 -8.83
N VAL A 207 2.64 5.55 -7.97
CA VAL A 207 2.68 6.00 -6.54
C VAL A 207 2.46 7.50 -6.47
N LYS A 208 3.15 8.28 -7.30
CA LYS A 208 3.00 9.75 -7.36
C LYS A 208 1.58 10.12 -7.72
N LYS A 209 1.03 9.53 -8.81
CA LYS A 209 -0.34 9.84 -9.35
C LYS A 209 -1.32 9.75 -8.17
N ILE A 210 -1.24 8.68 -7.38
CA ILE A 210 -2.15 8.42 -6.23
C ILE A 210 -1.88 9.44 -5.11
N ALA A 211 -0.64 9.61 -4.70
CA ALA A 211 -0.22 10.61 -3.69
C ALA A 211 -0.92 11.96 -3.96
N ALA A 212 -1.02 12.38 -5.23
CA ALA A 212 -1.70 13.65 -5.59
C ALA A 212 -3.14 13.54 -5.12
N THR A 213 -3.74 12.36 -5.31
CA THR A 213 -5.20 12.12 -5.13
C THR A 213 -5.58 12.13 -3.64
N MET A 214 -4.60 11.98 -2.74
CA MET A 214 -4.86 11.75 -1.28
C MET A 214 -4.97 13.11 -0.57
N VAL A 215 -6.15 13.72 -0.74
CA VAL A 215 -6.54 15.07 -0.27
C VAL A 215 -8.01 15.02 0.11
N PRO A 216 -8.49 15.88 1.02
CA PRO A 216 -9.92 16.02 1.23
C PRO A 216 -10.57 16.64 0.00
N PRO A 217 -11.89 16.49 -0.23
CA PRO A 217 -12.62 17.29 -1.22
C PRO A 217 -12.90 18.75 -0.78
N LYS A 218 -12.37 19.76 -1.51
CA LYS A 218 -12.44 21.21 -1.18
C LYS A 218 -13.35 21.92 -2.20
C1 5Z8 B . 2.99 16.02 19.59
C2 5Z8 B . 2.49 15.62 18.33
O3 5Z8 B . 6.18 15.72 21.41
C4 5Z8 B . 4.67 14.82 17.74
C5 5Z8 B . 5.15 15.22 18.98
C6 5Z8 B . 4.32 15.82 19.90
N1 5Z8 B . 1.20 15.94 18.32
O1 5Z8 B . 0.84 16.54 19.57
N2 5Z8 B . 2.02 16.57 20.32
N3 5Z8 B . 4.85 16.17 21.07
O2 5Z8 B . 4.12 16.97 22.01
C3 5Z8 B . 3.34 14.99 17.39
H4 5Z8 B . 5.41 14.42 17.20
H5 5Z8 B . 6.09 15.15 19.34
#